data_2XG4
#
_entry.id   2XG4
#
_cell.length_a   104.100
_cell.length_b   148.730
_cell.length_c   82.639
_cell.angle_alpha   90.00
_cell.angle_beta   90.00
_cell.angle_gamma   90.00
#
_symmetry.space_group_name_H-M   'C 2 2 21'
#
loop_
_entity.id
_entity.type
_entity.pdbx_description
1 polymer 'CHAPERONE PROTEIN PAPD'
2 polymer 'PAP FIMBRIAL MINOR PILIN PROTEIN'
3 non-polymer '(3R)-8-CYCLOPROPYL-6-(MORPHOLIN-4-YLMETHYL)-7-(1-NAPHTHYLMETHYL)-5-OXO-2,3-DIHYDRO-5H-[1,3]THIAZOLO[3,2-A]PYRIDINE-3-CARBOXYLIC ACID'
4 non-polymer 'COBALT (II) ION'
5 non-polymer GLYCEROL
6 water water
#
loop_
_entity_poly.entity_id
_entity_poly.type
_entity_poly.pdbx_seq_one_letter_code
_entity_poly.pdbx_strand_id
1 'polypeptide(L)'
;AVSLDRTRAVFDGSEKSMTLDISNDNKQLPYLAQAWIENENQEKIITGPVIATPPVQRLEPGAKSMVRLSTTPDISKLPQ
DRESLFYFNLREIPPRSEKANVLQIALQTKIKLFYRPAAIKTRPNEVWQDQLILNKVSGGYRIENPTPYYVTVIGLGGSE
KQAEEGEFETVMLSPRSEQTVKSANYNTPYLSYINDYGGRPVLSFICNGSRCSVKKEK
;
A
2 'polypeptide(L)'
;GPFPPPGMSLPEYWGEEHVWWDGRAAFHGEVVRPACTLAMEDAWQIIDMGETPVRDLQNGFSGPERKFSLRLRNCEFNSQ
GGNLFSDSRIRVTFDGVRGETPDKFNLSGQAKGINLQIADVRGNIARAGKVMPAIPLTGNEEALDYTLRIVRNGKKLEAG
NYFAVLGFRVDYE
;
B
#
# COMPACT_ATOMS: atom_id res chain seq x y z
N ALA A 1 11.95 -6.17 -4.87
CA ALA A 1 12.65 -7.50 -4.61
C ALA A 1 12.19 -8.15 -3.23
N VAL A 2 12.21 -7.38 -2.17
CA VAL A 2 11.90 -7.85 -0.82
C VAL A 2 10.40 -7.82 -0.62
N SER A 3 9.82 -8.95 -0.18
CA SER A 3 8.39 -8.93 0.12
C SER A 3 8.03 -9.43 1.50
N LEU A 4 6.81 -9.10 1.91
CA LEU A 4 6.24 -9.44 3.21
C LEU A 4 5.17 -10.57 3.04
N ASP A 5 4.93 -11.39 4.08
CA ASP A 5 4.05 -12.56 3.95
C ASP A 5 2.55 -12.25 4.21
N ARG A 6 2.15 -11.00 4.41
CA ARG A 6 0.78 -10.66 4.70
C ARG A 6 0.48 -9.19 4.41
N THR A 7 -0.79 -8.83 4.32
CA THR A 7 -1.18 -7.48 3.93
C THR A 7 -1.70 -6.68 5.14
N ARG A 8 -1.79 -7.35 6.29
CA ARG A 8 -2.12 -6.74 7.56
C ARG A 8 -1.60 -7.69 8.65
N ALA A 9 -1.32 -7.14 9.82
CA ALA A 9 -0.82 -7.99 10.91
C ALA A 9 -1.71 -7.70 12.11
N VAL A 10 -2.06 -8.72 12.88
CA VAL A 10 -2.78 -8.56 14.13
C VAL A 10 -1.86 -8.98 15.21
N PHE A 11 -1.60 -8.07 16.14
CA PHE A 11 -0.71 -8.40 17.23
C PHE A 11 -1.58 -8.81 18.43
N ASP A 12 -1.48 -10.08 18.80
CA ASP A 12 -2.20 -10.60 19.91
C ASP A 12 -1.54 -10.09 21.21
N GLY A 13 -2.23 -9.17 21.89
CA GLY A 13 -1.82 -8.59 23.17
C GLY A 13 -1.63 -9.60 24.32
N SER A 14 -2.02 -10.88 24.11
CA SER A 14 -1.70 -11.88 25.16
C SER A 14 -0.31 -12.47 25.00
N GLU A 15 0.38 -12.11 23.93
CA GLU A 15 1.79 -12.50 23.77
C GLU A 15 2.73 -11.28 23.77
N LYS A 16 4.04 -11.50 23.85
CA LYS A 16 4.99 -10.37 23.98
C LYS A 16 5.65 -10.07 22.64
N SER A 17 5.56 -11.01 21.70
CA SER A 17 6.14 -10.84 20.44
C SER A 17 5.53 -11.71 19.34
N MET A 18 5.77 -11.33 18.07
CA MET A 18 5.38 -12.16 16.93
C MET A 18 6.40 -11.93 15.80
N THR A 19 6.40 -12.78 14.81
CA THR A 19 7.29 -12.63 13.71
C THR A 19 6.54 -12.54 12.33
N LEU A 20 7.14 -11.87 11.35
CA LEU A 20 6.63 -11.79 10.00
C LEU A 20 7.70 -12.27 9.08
N ASP A 21 7.37 -13.21 8.19
CA ASP A 21 8.37 -13.68 7.21
C ASP A 21 8.55 -12.67 6.09
N ILE A 22 9.79 -12.58 5.61
CA ILE A 22 10.08 -11.70 4.54
C ILE A 22 10.94 -12.51 3.63
N SER A 23 11.18 -11.99 2.44
CA SER A 23 11.83 -12.84 1.47
C SER A 23 12.48 -11.93 0.40
N ASN A 24 13.61 -12.33 -0.12
CA ASN A 24 14.18 -11.61 -1.28
C ASN A 24 13.84 -12.45 -2.48
N ASP A 25 12.89 -11.99 -3.27
CA ASP A 25 12.48 -12.77 -4.44
C ASP A 25 13.34 -12.57 -5.72
N ASN A 26 14.27 -11.63 -5.67
CA ASN A 26 15.29 -11.46 -6.67
C ASN A 26 16.31 -12.57 -6.49
N LYS A 27 16.50 -13.38 -7.51
CA LYS A 27 17.38 -14.53 -7.40
C LYS A 27 18.85 -14.20 -7.86
N GLN A 28 19.12 -12.92 -8.13
CA GLN A 28 20.41 -12.54 -8.69
C GLN A 28 21.23 -11.65 -7.79
N LEU A 29 20.57 -10.75 -7.08
CA LEU A 29 21.21 -9.69 -6.36
C LEU A 29 20.76 -9.59 -4.89
N PRO A 30 21.71 -9.23 -3.98
CA PRO A 30 21.33 -9.02 -2.57
C PRO A 30 20.62 -7.71 -2.42
N TYR A 31 19.65 -7.67 -1.53
CA TYR A 31 18.90 -6.46 -1.25
C TYR A 31 18.94 -6.27 0.26
N LEU A 32 18.94 -5.03 0.75
CA LEU A 32 18.77 -4.85 2.19
C LEU A 32 17.28 -4.57 2.48
N ALA A 33 16.81 -4.96 3.66
CA ALA A 33 15.44 -4.62 4.09
C ALA A 33 15.44 -3.84 5.41
N GLN A 34 14.88 -2.61 5.42
CA GLN A 34 14.66 -1.91 6.66
C GLN A 34 13.22 -2.12 7.14
N ALA A 35 13.05 -2.20 8.46
CA ALA A 35 11.74 -2.50 9.04
C ALA A 35 11.54 -1.53 10.21
N TRP A 36 10.41 -0.83 10.28
CA TRP A 36 10.05 0.06 11.36
C TRP A 36 8.57 0.17 11.51
N ILE A 37 8.15 0.70 12.67
CA ILE A 37 6.80 0.88 13.05
C ILE A 37 6.42 2.34 13.04
N GLU A 38 5.17 2.60 12.72
CA GLU A 38 4.64 3.96 12.78
C GLU A 38 3.38 3.92 13.64
N ASN A 39 3.01 5.05 14.21
CA ASN A 39 1.78 5.14 15.03
C ASN A 39 0.54 5.46 14.16
N GLU A 40 -0.65 5.59 14.75
CA GLU A 40 -1.88 5.72 13.98
C GLU A 40 -1.90 6.94 13.06
N ASN A 41 -1.04 7.91 13.38
CA ASN A 41 -0.92 9.06 12.52
C ASN A 41 0.11 8.89 11.37
N GLN A 42 0.66 7.67 11.21
CA GLN A 42 1.83 7.40 10.32
C GLN A 42 3.07 8.32 10.60
N GLU A 43 3.25 8.71 11.85
CA GLU A 43 4.48 9.25 12.35
C GLU A 43 5.32 8.12 12.86
N LYS A 44 6.59 8.12 12.52
CA LYS A 44 7.49 7.03 13.00
C LYS A 44 7.61 6.97 14.50
N ILE A 45 8.00 5.79 15.03
CA ILE A 45 8.31 5.53 16.47
C ILE A 45 9.39 4.54 16.53
N ILE A 46 10.20 4.52 17.61
CA ILE A 46 11.37 3.54 17.75
C ILE A 46 11.59 2.95 19.14
N THR A 47 11.13 3.64 20.18
CA THR A 47 11.39 3.09 21.50
C THR A 47 10.23 2.28 22.11
N GLY A 48 9.06 2.35 21.49
CA GLY A 48 7.89 1.69 22.05
C GLY A 48 6.62 2.36 21.63
N PRO A 49 5.49 1.70 21.89
CA PRO A 49 5.39 0.48 22.71
C PRO A 49 5.52 -0.81 21.92
N VAL A 50 5.68 -0.70 20.60
CA VAL A 50 5.99 -1.86 19.73
C VAL A 50 7.26 -1.60 18.94
N ILE A 51 8.16 -2.56 18.85
CA ILE A 51 9.38 -2.30 18.11
C ILE A 51 9.62 -3.43 17.07
N ALA A 52 10.36 -3.12 16.00
CA ALA A 52 10.61 -4.10 14.97
C ALA A 52 12.11 -4.37 14.93
N THR A 53 12.50 -5.66 14.87
CA THR A 53 13.92 -5.99 14.86
C THR A 53 14.10 -7.16 13.92
N PRO A 54 15.22 -7.20 13.18
CA PRO A 54 16.21 -6.09 13.14
C PRO A 54 15.69 -4.92 12.32
N PRO A 55 16.16 -3.68 12.57
CA PRO A 55 15.68 -2.55 11.76
C PRO A 55 16.29 -2.51 10.35
N VAL A 56 17.41 -3.19 10.12
CA VAL A 56 17.97 -3.33 8.78
C VAL A 56 18.58 -4.72 8.75
N GLN A 57 18.46 -5.40 7.63
CA GLN A 57 19.20 -6.64 7.46
C GLN A 57 19.48 -6.87 5.95
N ARG A 58 20.48 -7.67 5.69
CA ARG A 58 20.85 -8.02 4.35
C ARG A 58 20.23 -9.36 3.94
N LEU A 59 19.60 -9.38 2.77
CA LEU A 59 19.10 -10.64 2.24
C LEU A 59 19.88 -11.02 1.00
N GLU A 60 20.55 -12.16 1.06
CA GLU A 60 21.17 -12.69 -0.13
C GLU A 60 20.11 -12.98 -1.21
N PRO A 61 20.56 -13.06 -2.46
CA PRO A 61 19.60 -13.41 -3.50
C PRO A 61 18.77 -14.65 -3.09
N GLY A 62 17.47 -14.56 -3.20
CA GLY A 62 16.61 -15.70 -2.84
C GLY A 62 16.38 -15.95 -1.33
N ALA A 63 16.99 -15.16 -0.44
CA ALA A 63 17.01 -15.53 0.96
C ALA A 63 15.65 -15.25 1.57
N LYS A 64 15.32 -16.01 2.59
CA LYS A 64 14.14 -15.87 3.40
C LYS A 64 14.59 -15.46 4.78
N SER A 65 13.86 -14.60 5.43
CA SER A 65 14.23 -14.21 6.76
C SER A 65 12.95 -13.77 7.47
N MET A 66 13.11 -13.02 8.56
CA MET A 66 12.00 -12.51 9.29
C MET A 66 12.27 -11.18 9.96
N VAL A 67 11.19 -10.53 10.35
CA VAL A 67 11.24 -9.39 11.21
C VAL A 67 10.37 -9.73 12.43
N ARG A 68 10.86 -9.35 13.61
CA ARG A 68 10.17 -9.63 14.84
C ARG A 68 9.55 -8.36 15.39
N LEU A 69 8.32 -8.45 15.90
CA LEU A 69 7.70 -7.33 16.59
C LEU A 69 7.59 -7.69 18.06
N SER A 70 8.13 -6.82 18.91
CA SER A 70 7.88 -6.97 20.33
C SER A 70 7.37 -5.74 21.01
N THR A 71 6.79 -5.94 22.17
CA THR A 71 6.16 -4.89 22.95
C THR A 71 7.05 -4.59 24.09
N THR A 72 6.99 -3.33 24.53
CA THR A 72 7.71 -2.89 25.71
C THR A 72 6.65 -2.82 26.83
N PRO A 73 7.08 -2.63 28.07
CA PRO A 73 6.13 -2.50 29.23
C PRO A 73 5.12 -1.39 29.09
N ASP A 74 5.49 -0.32 28.38
CA ASP A 74 4.56 0.77 28.05
C ASP A 74 3.32 0.34 27.20
N ILE A 75 3.32 -0.90 26.67
CA ILE A 75 2.17 -1.40 25.94
C ILE A 75 0.91 -1.40 26.81
N SER A 76 1.07 -1.65 28.12
CA SER A 76 -0.02 -1.67 29.10
C SER A 76 -0.79 -0.34 29.17
N LYS A 77 -0.21 0.77 28.70
CA LYS A 77 -0.87 2.09 28.65
C LYS A 77 -1.91 2.23 27.56
N LEU A 78 -1.94 1.32 26.58
CA LEU A 78 -2.93 1.35 25.49
C LEU A 78 -4.30 0.87 26.05
N PRO A 79 -5.38 1.28 25.43
CA PRO A 79 -6.68 0.79 25.95
C PRO A 79 -6.75 -0.73 25.82
N GLN A 80 -7.32 -1.37 26.82
CA GLN A 80 -7.49 -2.82 26.84
C GLN A 80 -8.83 -3.31 26.34
N ASP A 81 -9.70 -2.40 25.90
CA ASP A 81 -11.05 -2.77 25.48
C ASP A 81 -11.34 -2.44 24.01
N ARG A 82 -10.30 -2.17 23.22
CA ARG A 82 -10.42 -1.82 21.81
C ARG A 82 -9.06 -2.01 21.16
N GLU A 83 -9.05 -2.18 19.84
CA GLU A 83 -7.82 -2.27 19.09
C GLU A 83 -7.10 -0.89 19.05
N SER A 84 -5.77 -0.91 18.97
CA SER A 84 -5.03 0.28 18.55
C SER A 84 -4.33 -0.03 17.22
N LEU A 85 -4.17 1.02 16.41
CA LEU A 85 -3.65 0.93 15.07
C LEU A 85 -2.18 1.42 15.07
N PHE A 86 -1.30 0.63 14.47
CA PHE A 86 0.03 1.06 14.13
C PHE A 86 0.22 0.74 12.64
N TYR A 87 1.38 1.09 12.05
CA TYR A 87 1.70 0.63 10.70
C TYR A 87 3.06 -0.06 10.71
N PHE A 88 3.18 -1.19 10.01
CA PHE A 88 4.43 -1.81 9.85
C PHE A 88 4.94 -1.49 8.41
N ASN A 89 6.24 -1.15 8.30
CA ASN A 89 6.84 -0.72 7.08
C ASN A 89 8.04 -1.57 6.77
N LEU A 90 8.16 -1.92 5.50
CA LEU A 90 9.28 -2.75 5.08
C LEU A 90 9.78 -2.11 3.75
N ARG A 91 10.99 -1.60 3.76
CA ARG A 91 11.52 -0.84 2.64
C ARG A 91 12.83 -1.48 2.25
N GLU A 92 12.94 -1.83 1.00
CA GLU A 92 14.15 -2.43 0.47
C GLU A 92 15.17 -1.30 0.17
N ILE A 93 16.45 -1.63 0.28
CA ILE A 93 17.50 -0.81 -0.27
C ILE A 93 18.17 -1.65 -1.41
N PRO A 94 17.89 -1.29 -2.69
CA PRO A 94 18.48 -2.07 -3.80
C PRO A 94 19.99 -1.85 -3.82
N PRO A 95 20.74 -2.81 -4.35
CA PRO A 95 22.17 -2.60 -4.48
C PRO A 95 22.43 -1.43 -5.49
N ARG A 96 23.45 -0.64 -5.23
CA ARG A 96 23.84 0.47 -6.04
C ARG A 96 24.37 0.02 -7.36
N SER A 97 23.77 0.48 -8.45
CA SER A 97 24.48 0.30 -9.73
C SER A 97 25.22 1.61 -9.91
N GLU A 98 26.44 1.54 -10.34
CA GLU A 98 27.06 2.82 -10.58
C GLU A 98 26.83 3.30 -12.02
N LYS A 99 25.68 2.89 -12.60
CA LYS A 99 25.32 3.21 -13.95
C LYS A 99 24.95 4.66 -14.12
N ALA A 100 25.43 5.24 -15.22
CA ALA A 100 25.13 6.60 -15.63
C ALA A 100 23.65 6.73 -16.01
N ASN A 101 23.06 7.84 -15.59
CA ASN A 101 21.75 8.27 -15.98
C ASN A 101 20.64 7.30 -15.72
N VAL A 102 20.51 6.83 -14.49
CA VAL A 102 19.50 5.84 -14.15
C VAL A 102 18.60 6.31 -13.04
N LEU A 103 17.41 5.76 -13.06
CA LEU A 103 16.44 5.92 -12.05
C LEU A 103 16.34 4.53 -11.42
N GLN A 104 16.47 4.45 -10.10
CA GLN A 104 16.39 3.19 -9.37
C GLN A 104 15.13 3.22 -8.49
N ILE A 105 14.39 2.10 -8.49
CA ILE A 105 13.10 2.02 -7.82
C ILE A 105 13.29 1.18 -6.57
N ALA A 106 12.77 1.66 -5.45
CA ALA A 106 12.86 0.89 -4.20
C ALA A 106 11.46 0.68 -3.65
N LEU A 107 10.99 -0.57 -3.62
CA LEU A 107 9.68 -0.87 -3.00
C LEU A 107 9.66 -0.54 -1.49
N GLN A 108 8.64 0.17 -1.05
CA GLN A 108 8.26 0.16 0.31
C GLN A 108 6.82 -0.45 0.48
N THR A 109 6.73 -1.42 1.36
CA THR A 109 5.44 -2.03 1.76
C THR A 109 5.03 -1.46 3.15
N LYS A 110 3.83 -0.90 3.19
CA LYS A 110 3.22 -0.41 4.41
C LYS A 110 1.89 -1.13 4.70
N ILE A 111 1.83 -1.87 5.81
CA ILE A 111 0.62 -2.59 6.16
C ILE A 111 0.04 -2.09 7.50
N LYS A 112 -1.29 -2.28 7.73
CA LYS A 112 -1.86 -1.99 9.03
C LYS A 112 -1.39 -3.05 10.09
N LEU A 113 -1.17 -2.59 11.32
CA LEU A 113 -0.77 -3.47 12.40
C LEU A 113 -1.74 -3.19 13.56
N PHE A 114 -2.65 -4.14 13.75
CA PHE A 114 -3.69 -3.95 14.75
C PHE A 114 -3.20 -4.56 16.05
N TYR A 115 -3.07 -3.73 17.06
CA TYR A 115 -2.79 -4.28 18.37
C TYR A 115 -4.17 -4.65 18.97
N ARG A 116 -4.36 -5.94 19.29
CA ARG A 116 -5.61 -6.52 19.76
C ARG A 116 -5.38 -7.03 21.20
N PRO A 117 -5.75 -6.24 22.17
CA PRO A 117 -5.58 -6.61 23.59
C PRO A 117 -6.19 -7.97 23.95
N ALA A 118 -5.55 -8.67 24.86
CA ALA A 118 -6.03 -9.94 25.42
C ALA A 118 -7.58 -10.01 25.68
N ALA A 119 -8.18 -8.94 26.20
CA ALA A 119 -9.59 -9.01 26.63
C ALA A 119 -10.56 -9.09 25.43
N ILE A 120 -10.06 -8.76 24.24
CA ILE A 120 -10.92 -8.78 23.07
C ILE A 120 -10.36 -9.77 22.06
N LYS A 121 -9.60 -10.75 22.56
CA LYS A 121 -8.98 -11.75 21.71
C LYS A 121 -10.08 -12.50 20.95
N THR A 122 -9.79 -12.86 19.70
CA THR A 122 -10.73 -13.51 18.80
C THR A 122 -10.31 -14.90 18.45
N ARG A 123 -11.26 -15.70 18.04
CA ARG A 123 -11.02 -17.05 17.52
C ARG A 123 -10.83 -16.99 16.04
N PRO A 124 -10.18 -18.01 15.49
CA PRO A 124 -10.06 -18.11 14.03
C PRO A 124 -11.38 -17.96 13.27
N ASN A 125 -11.48 -17.03 12.31
CA ASN A 125 -12.70 -16.91 11.48
C ASN A 125 -13.88 -16.23 12.14
N GLU A 126 -13.67 -15.69 13.33
CA GLU A 126 -14.74 -15.00 14.04
C GLU A 126 -15.14 -13.80 13.16
N VAL A 127 -16.42 -13.48 13.13
CA VAL A 127 -16.92 -12.36 12.37
C VAL A 127 -17.58 -11.40 13.33
N TRP A 128 -17.02 -10.20 13.50
CA TRP A 128 -17.71 -9.15 14.22
C TRP A 128 -18.25 -8.10 13.26
N GLN A 129 -17.82 -8.17 12.00
CA GLN A 129 -18.18 -7.13 11.02
C GLN A 129 -19.67 -7.12 10.72
N ASP A 130 -20.34 -8.18 11.11
CA ASP A 130 -21.76 -8.32 10.84
C ASP A 130 -22.55 -7.49 11.87
N GLN A 131 -21.82 -6.77 12.74
CA GLN A 131 -22.47 -5.90 13.71
C GLN A 131 -22.61 -4.47 13.18
N LEU A 132 -22.07 -4.19 12.00
CA LEU A 132 -22.20 -2.86 11.39
C LEU A 132 -23.65 -2.53 11.16
N ILE A 133 -23.91 -1.23 11.28
CA ILE A 133 -25.17 -0.65 10.98
C ILE A 133 -25.04 0.46 9.93
N LEU A 134 -25.87 0.38 8.89
CA LEU A 134 -25.97 1.44 7.90
C LEU A 134 -27.17 2.32 8.24
N ASN A 135 -27.00 3.63 8.14
CA ASN A 135 -28.06 4.52 8.26
C ASN A 135 -28.15 5.35 6.97
N LYS A 136 -29.26 5.31 6.23
CA LYS A 136 -29.43 6.26 5.11
C LYS A 136 -29.47 7.73 5.57
N VAL A 137 -28.72 8.57 4.84
CA VAL A 137 -28.65 10.04 5.00
C VAL A 137 -28.50 10.74 3.62
N SER A 138 -28.49 12.06 3.60
CA SER A 138 -28.28 12.81 2.35
C SER A 138 -27.05 12.32 1.68
N GLY A 139 -27.23 11.86 0.44
CA GLY A 139 -26.13 11.44 -0.43
C GLY A 139 -25.42 10.11 -0.12
N GLY A 140 -25.83 9.37 0.90
CA GLY A 140 -25.16 8.10 1.20
C GLY A 140 -25.58 7.41 2.48
N TYR A 141 -24.61 6.85 3.18
CA TYR A 141 -24.86 6.10 4.42
C TYR A 141 -23.93 6.54 5.50
N ARG A 142 -24.45 6.61 6.73
CA ARG A 142 -23.62 6.74 7.90
C ARG A 142 -23.48 5.35 8.38
N ILE A 143 -22.25 4.83 8.44
CA ILE A 143 -21.95 3.46 8.82
C ILE A 143 -21.43 3.51 10.23
N GLU A 144 -22.02 2.67 11.10
CA GLU A 144 -21.67 2.60 12.52
C GLU A 144 -20.92 1.31 12.78
N ASN A 145 -19.75 1.44 13.44
CA ASN A 145 -18.99 0.28 13.93
C ASN A 145 -19.04 0.28 15.45
N PRO A 146 -19.98 -0.51 16.05
CA PRO A 146 -20.10 -0.50 17.53
C PRO A 146 -19.06 -1.45 18.14
N THR A 147 -18.27 -2.13 17.31
CA THR A 147 -17.39 -3.19 17.80
C THR A 147 -16.08 -2.61 18.34
N PRO A 148 -15.31 -3.39 19.12
CA PRO A 148 -13.97 -2.93 19.56
C PRO A 148 -12.87 -3.06 18.50
N TYR A 149 -13.22 -3.43 17.29
CA TYR A 149 -12.22 -3.67 16.23
C TYR A 149 -12.26 -2.64 15.13
N TYR A 150 -11.12 -2.42 14.46
CA TYR A 150 -11.09 -1.66 13.20
C TYR A 150 -11.80 -2.50 12.13
N VAL A 151 -12.59 -1.85 11.30
CA VAL A 151 -13.27 -2.53 10.22
C VAL A 151 -13.00 -1.79 8.90
N THR A 152 -12.40 -2.48 7.92
CA THR A 152 -12.09 -1.87 6.61
C THR A 152 -13.16 -2.29 5.59
N VAL A 153 -13.93 -1.28 5.13
CA VAL A 153 -15.07 -1.46 4.20
C VAL A 153 -14.57 -1.09 2.80
N ILE A 154 -14.69 -2.04 1.87
CA ILE A 154 -14.18 -1.90 0.47
C ILE A 154 -15.24 -2.03 -0.59
N GLY A 155 -16.50 -2.27 -0.20
CA GLY A 155 -17.60 -2.39 -1.14
C GLY A 155 -18.97 -2.13 -0.50
N LEU A 156 -19.87 -1.54 -1.27
CA LEU A 156 -21.22 -1.28 -0.88
C LEU A 156 -22.02 -1.14 -2.15
N GLY A 157 -22.95 -2.07 -2.39
CA GLY A 157 -23.84 -2.04 -3.54
C GLY A 157 -25.15 -2.73 -3.26
N GLY A 158 -25.96 -2.89 -4.31
CA GLY A 158 -27.30 -3.47 -4.23
C GLY A 158 -27.36 -4.94 -4.54
N SER A 159 -26.21 -5.53 -4.85
CA SER A 159 -26.01 -6.97 -4.99
C SER A 159 -24.59 -7.36 -4.56
N GLU A 160 -24.40 -8.64 -4.41
CA GLU A 160 -23.15 -9.20 -4.09
C GLU A 160 -22.11 -8.78 -5.10
N LYS A 161 -22.43 -8.90 -6.39
CA LYS A 161 -21.47 -8.59 -7.43
C LYS A 161 -21.06 -7.09 -7.38
N GLN A 162 -22.01 -6.22 -7.03
CA GLN A 162 -21.68 -4.80 -6.91
C GLN A 162 -20.83 -4.52 -5.68
N ALA A 163 -21.04 -5.26 -4.59
CA ALA A 163 -20.22 -5.10 -3.44
C ALA A 163 -18.78 -5.48 -3.75
N GLU A 164 -18.57 -6.57 -4.49
CA GLU A 164 -17.23 -7.03 -4.76
C GLU A 164 -16.58 -6.22 -5.90
N GLU A 165 -17.32 -5.82 -6.92
CA GLU A 165 -16.70 -5.25 -8.10
C GLU A 165 -17.01 -3.80 -8.35
N GLY A 166 -18.00 -3.23 -7.65
CA GLY A 166 -18.42 -1.82 -7.90
C GLY A 166 -17.38 -0.83 -7.41
N GLU A 167 -17.35 0.36 -7.99
CA GLU A 167 -16.42 1.40 -7.56
C GLU A 167 -16.82 1.86 -6.17
N PHE A 168 -15.84 1.91 -5.27
CA PHE A 168 -16.04 2.26 -3.87
C PHE A 168 -14.72 2.72 -3.24
N GLU A 169 -14.78 3.88 -2.63
CA GLU A 169 -13.64 4.44 -1.98
C GLU A 169 -13.46 3.70 -0.66
N THR A 170 -12.42 2.88 -0.53
CA THR A 170 -12.09 2.22 0.72
C THR A 170 -12.08 3.13 1.97
N VAL A 171 -12.71 2.66 3.03
CA VAL A 171 -12.82 3.42 4.26
C VAL A 171 -12.61 2.49 5.47
N MET A 172 -11.84 2.95 6.45
CA MET A 172 -11.61 2.16 7.65
C MET A 172 -12.32 2.78 8.89
N LEU A 173 -13.20 2.00 9.54
CA LEU A 173 -13.92 2.52 10.71
C LEU A 173 -13.11 2.13 11.93
N SER A 174 -12.77 3.12 12.72
CA SER A 174 -12.16 2.92 14.03
C SER A 174 -13.15 2.18 14.93
N PRO A 175 -12.64 1.49 15.95
CA PRO A 175 -13.56 0.89 16.94
C PRO A 175 -14.55 1.91 17.52
N ARG A 176 -15.83 1.51 17.65
CA ARG A 176 -16.83 2.31 18.37
C ARG A 176 -16.94 3.66 17.72
N SER A 177 -17.06 3.68 16.39
CA SER A 177 -17.11 4.97 15.69
C SER A 177 -18.09 4.87 14.55
N GLU A 178 -18.27 6.00 13.85
CA GLU A 178 -19.20 6.02 12.73
C GLU A 178 -18.64 6.97 11.70
N GLN A 179 -19.03 6.74 10.45
CA GLN A 179 -18.52 7.52 9.35
C GLN A 179 -19.51 7.60 8.22
N THR A 180 -19.58 8.74 7.59
CA THR A 180 -20.52 8.92 6.49
C THR A 180 -19.82 8.71 5.17
N VAL A 181 -20.48 7.98 4.31
CA VAL A 181 -19.95 7.52 3.04
C VAL A 181 -20.96 7.95 1.94
N LYS A 182 -20.47 8.54 0.87
CA LYS A 182 -21.32 8.92 -0.27
C LYS A 182 -21.68 7.66 -1.09
N SER A 183 -22.98 7.53 -1.38
CA SER A 183 -23.49 6.28 -1.94
C SER A 183 -24.86 6.49 -2.58
N ALA A 184 -25.12 5.72 -3.64
CA ALA A 184 -26.49 5.55 -4.08
C ALA A 184 -27.31 4.75 -2.99
N ASN A 185 -28.61 4.92 -3.03
CA ASN A 185 -29.51 4.15 -2.22
C ASN A 185 -29.58 2.72 -2.74
N TYR A 186 -29.45 1.73 -1.89
CA TYR A 186 -29.69 0.36 -2.33
C TYR A 186 -30.80 -0.29 -1.50
N ASN A 187 -31.70 -0.94 -2.19
CA ASN A 187 -32.86 -1.56 -1.62
C ASN A 187 -32.44 -2.62 -0.55
N THR A 188 -31.55 -3.56 -0.92
CA THR A 188 -30.94 -4.55 -0.04
C THR A 188 -29.42 -4.40 -0.16
N PRO A 189 -28.81 -3.59 0.70
CA PRO A 189 -27.38 -3.33 0.55
C PRO A 189 -26.54 -4.56 0.82
N TYR A 190 -25.47 -4.72 0.04
CA TYR A 190 -24.45 -5.71 0.29
C TYR A 190 -23.18 -4.97 0.60
N LEU A 191 -22.41 -5.48 1.55
CA LEU A 191 -21.27 -4.73 1.99
C LEU A 191 -20.11 -5.69 2.02
N SER A 192 -19.03 -5.25 1.41
CA SER A 192 -17.80 -6.03 1.45
C SER A 192 -16.73 -5.41 2.41
N TYR A 193 -15.97 -6.28 3.07
CA TYR A 193 -15.03 -5.84 4.08
C TYR A 193 -13.77 -6.70 3.95
N ILE A 194 -12.62 -6.22 4.46
CA ILE A 194 -11.41 -7.08 4.49
C ILE A 194 -11.23 -7.70 5.85
N ASN A 195 -10.97 -8.99 5.89
CA ASN A 195 -10.81 -9.67 7.18
C ASN A 195 -9.35 -9.82 7.58
N ASP A 196 -9.06 -10.46 8.72
CA ASP A 196 -7.71 -10.51 9.26
C ASP A 196 -6.78 -11.25 8.25
N TYR A 197 -7.35 -12.02 7.29
CA TYR A 197 -6.49 -12.93 6.48
C TYR A 197 -6.26 -12.35 5.08
N GLY A 198 -6.86 -11.19 4.88
CA GLY A 198 -6.83 -10.53 3.62
C GLY A 198 -7.84 -10.99 2.61
N GLY A 199 -8.84 -11.74 3.09
CA GLY A 199 -9.99 -12.18 2.24
C GLY A 199 -11.00 -11.09 2.28
N ARG A 200 -11.92 -11.12 1.32
CA ARG A 200 -12.97 -10.06 1.16
C ARG A 200 -14.40 -10.62 1.23
N PRO A 201 -14.92 -10.93 2.42
CA PRO A 201 -16.28 -11.46 2.47
C PRO A 201 -17.29 -10.38 2.20
N VAL A 202 -18.53 -10.82 1.91
CA VAL A 202 -19.64 -9.92 1.69
C VAL A 202 -20.77 -10.21 2.67
N LEU A 203 -21.36 -9.16 3.21
CA LEU A 203 -22.50 -9.25 4.09
C LEU A 203 -23.76 -8.74 3.40
N SER A 204 -24.87 -9.42 3.63
CA SER A 204 -26.19 -9.01 3.14
C SER A 204 -26.96 -8.22 4.24
N PHE A 205 -27.39 -6.99 3.93
CA PHE A 205 -28.15 -6.16 4.83
C PHE A 205 -29.64 -6.08 4.42
N ILE A 206 -30.51 -5.87 5.41
CA ILE A 206 -31.92 -5.55 5.22
C ILE A 206 -32.24 -4.27 5.94
N CYS A 207 -33.02 -3.39 5.29
CA CYS A 207 -33.41 -2.09 5.84
C CYS A 207 -34.83 -2.07 6.43
N ASN A 208 -34.96 -1.43 7.59
CA ASN A 208 -36.22 -0.95 8.13
C ASN A 208 -36.18 0.58 8.13
N GLY A 209 -36.81 1.21 7.12
CA GLY A 209 -36.71 2.65 6.92
C GLY A 209 -35.25 3.00 6.61
N SER A 210 -34.67 3.94 7.36
CA SER A 210 -33.28 4.42 7.14
C SER A 210 -32.16 3.60 7.75
N ARG A 211 -32.53 2.69 8.64
CA ARG A 211 -31.63 1.85 9.35
C ARG A 211 -31.55 0.42 8.77
N CYS A 212 -30.33 -0.04 8.55
CA CYS A 212 -30.10 -1.31 7.89
C CYS A 212 -29.18 -2.13 8.77
N SER A 213 -29.47 -3.41 8.88
CA SER A 213 -28.63 -4.32 9.63
C SER A 213 -28.52 -5.65 8.88
N VAL A 214 -27.55 -6.47 9.28
CA VAL A 214 -27.33 -7.74 8.64
C VAL A 214 -28.46 -8.75 8.87
N LYS A 215 -28.94 -9.32 7.75
CA LYS A 215 -29.76 -10.52 7.71
C LYS A 215 -29.33 -11.56 8.72
N LYS A 216 -30.16 -11.82 9.73
CA LYS A 216 -29.95 -12.93 10.70
C LYS A 216 -30.21 -14.29 9.97
N GLU A 217 -31.09 -14.34 9.07
N ALA B 25 -8.80 -29.53 0.75
CA ALA B 25 -8.62 -29.80 2.27
C ALA B 25 -9.66 -29.10 3.19
N ALA B 26 -10.53 -29.86 3.84
CA ALA B 26 -11.49 -29.24 4.74
C ALA B 26 -10.72 -28.59 5.93
N PHE B 27 -9.70 -29.27 6.43
CA PHE B 27 -9.02 -28.83 7.64
C PHE B 27 -7.56 -28.45 7.36
N HIS B 28 -7.16 -27.23 7.73
CA HIS B 28 -5.82 -26.83 7.52
C HIS B 28 -5.53 -25.55 8.27
N GLY B 29 -4.24 -25.18 8.32
CA GLY B 29 -3.77 -23.94 8.91
C GLY B 29 -4.19 -22.67 8.18
N GLU B 30 -3.98 -21.54 8.86
CA GLU B 30 -4.29 -20.22 8.42
C GLU B 30 -3.56 -19.97 7.08
N VAL B 31 -4.27 -19.42 6.09
CA VAL B 31 -3.72 -19.02 4.83
C VAL B 31 -4.11 -17.54 4.58
N VAL B 32 -3.13 -16.67 4.41
CA VAL B 32 -3.38 -15.25 4.29
C VAL B 32 -2.89 -14.71 2.97
N ARG B 33 -3.49 -13.64 2.50
CA ARG B 33 -2.99 -12.99 1.28
C ARG B 33 -1.61 -12.38 1.57
N PRO B 34 -0.58 -12.79 0.84
CA PRO B 34 0.76 -12.12 0.99
C PRO B 34 0.74 -10.72 0.42
N ALA B 35 1.65 -9.84 0.87
CA ALA B 35 1.80 -8.57 0.18
C ALA B 35 2.52 -8.79 -1.20
N CYS B 36 2.35 -7.87 -2.10
CA CYS B 36 2.87 -8.01 -3.48
C CYS B 36 4.40 -7.94 -3.47
N THR B 37 5.03 -8.77 -4.25
CA THR B 37 6.40 -8.53 -4.53
C THR B 37 6.57 -7.79 -5.84
N LEU B 38 7.47 -6.84 -5.87
CA LEU B 38 7.65 -6.02 -7.09
C LEU B 38 8.66 -6.65 -8.00
N ALA B 39 8.30 -6.88 -9.25
CA ALA B 39 9.20 -7.45 -10.28
C ALA B 39 9.38 -6.45 -11.46
N MET B 40 10.62 -6.26 -11.92
CA MET B 40 10.93 -5.41 -13.08
C MET B 40 11.74 -6.22 -14.03
N GLU B 41 11.94 -5.68 -15.24
CA GLU B 41 12.81 -6.31 -16.28
C GLU B 41 14.23 -6.40 -15.75
N ASP B 42 14.70 -5.30 -15.17
CA ASP B 42 16.05 -5.18 -14.73
C ASP B 42 16.23 -5.69 -13.28
N ALA B 43 17.19 -6.55 -13.04
CA ALA B 43 17.57 -7.06 -11.75
C ALA B 43 18.00 -5.98 -10.68
N TRP B 44 18.40 -4.79 -11.10
CA TRP B 44 18.79 -3.70 -10.22
C TRP B 44 17.62 -2.81 -9.96
N GLN B 45 16.51 -3.09 -10.60
CA GLN B 45 15.30 -2.23 -10.54
C GLN B 45 15.58 -0.85 -10.99
N ILE B 46 16.30 -0.80 -12.11
CA ILE B 46 16.78 0.44 -12.74
C ILE B 46 16.09 0.76 -14.07
N ILE B 47 15.78 2.01 -14.34
CA ILE B 47 15.40 2.45 -15.67
C ILE B 47 16.54 3.32 -16.26
N ASP B 48 17.13 2.90 -17.37
CA ASP B 48 18.09 3.73 -18.12
C ASP B 48 17.38 4.89 -18.77
N MET B 49 17.75 6.11 -18.37
CA MET B 49 17.16 7.33 -18.87
C MET B 49 17.83 7.84 -20.18
N GLY B 50 19.00 7.32 -20.53
CA GLY B 50 19.78 7.82 -21.68
C GLY B 50 20.51 9.14 -21.42
N GLU B 51 21.37 9.55 -22.37
CA GLU B 51 22.25 10.71 -22.17
C GLU B 51 21.37 11.92 -21.89
N THR B 52 21.87 12.91 -21.15
CA THR B 52 21.07 14.12 -20.90
C THR B 52 20.57 14.70 -22.23
N PRO B 53 19.25 14.85 -22.39
CA PRO B 53 18.66 15.32 -23.68
C PRO B 53 18.74 16.85 -23.89
N VAL B 54 19.96 17.37 -23.89
CA VAL B 54 20.29 18.80 -24.03
C VAL B 54 19.62 19.49 -25.26
N ARG B 55 19.82 18.92 -26.46
CA ARG B 55 19.15 19.45 -27.65
C ARG B 55 17.63 19.59 -27.45
N ASP B 56 16.99 18.49 -27.03
CA ASP B 56 15.53 18.51 -26.82
C ASP B 56 15.15 19.59 -25.80
N LEU B 57 15.92 19.70 -24.72
CA LEU B 57 15.56 20.63 -23.64
C LEU B 57 15.63 22.10 -24.08
N GLN B 58 16.72 22.46 -24.78
CA GLN B 58 16.90 23.82 -25.32
C GLN B 58 15.81 24.22 -26.35
N ASN B 59 15.30 23.25 -27.11
CA ASN B 59 14.18 23.57 -28.01
C ASN B 59 12.86 23.73 -27.22
N GLY B 60 12.94 23.72 -25.89
CA GLY B 60 11.76 23.90 -25.02
C GLY B 60 10.90 22.67 -24.82
N PHE B 61 11.41 21.49 -25.20
CA PHE B 61 10.65 20.24 -24.99
C PHE B 61 11.20 19.52 -23.75
N SER B 62 10.50 18.48 -23.31
CA SER B 62 11.07 17.52 -22.38
C SER B 62 11.93 16.50 -23.17
N GLY B 63 12.65 15.67 -22.44
CA GLY B 63 13.44 14.63 -23.05
C GLY B 63 12.57 13.50 -23.53
N PRO B 64 13.14 12.54 -24.23
CA PRO B 64 12.33 11.39 -24.70
C PRO B 64 11.73 10.49 -23.55
N GLU B 65 10.68 9.77 -23.87
CA GLU B 65 9.92 9.09 -22.85
C GLU B 65 10.52 7.75 -22.57
N ARG B 66 10.48 7.34 -21.30
CA ARG B 66 11.02 6.08 -20.96
C ARG B 66 9.99 5.28 -20.19
N LYS B 67 9.58 4.17 -20.79
CA LYS B 67 8.55 3.28 -20.29
C LYS B 67 9.15 2.44 -19.15
N PHE B 68 8.42 2.27 -18.05
CA PHE B 68 8.79 1.22 -17.13
C PHE B 68 7.63 0.52 -16.53
N SER B 69 7.76 -0.78 -16.44
CA SER B 69 6.71 -1.63 -16.03
C SER B 69 7.10 -2.18 -14.66
N LEU B 70 6.16 -2.11 -13.70
CA LEU B 70 6.28 -2.73 -12.35
C LEU B 70 5.25 -3.87 -12.35
N ARG B 71 5.68 -5.13 -12.20
CA ARG B 71 4.72 -6.18 -11.97
C ARG B 71 4.54 -6.49 -10.46
N LEU B 72 3.29 -6.55 -9.99
CA LEU B 72 3.05 -6.86 -8.60
C LEU B 72 2.57 -8.29 -8.45
N ARG B 73 3.45 -9.14 -7.94
CA ARG B 73 3.28 -10.60 -7.95
C ARG B 73 3.00 -11.19 -6.58
N ASN B 74 2.40 -12.39 -6.62
CA ASN B 74 2.24 -13.22 -5.45
C ASN B 74 1.17 -12.67 -4.49
N CYS B 75 0.46 -11.64 -4.88
CA CYS B 75 -0.57 -11.12 -3.99
C CYS B 75 -2.01 -11.34 -4.51
N GLU B 76 -2.16 -12.17 -5.55
CA GLU B 76 -3.41 -12.37 -6.36
C GLU B 76 -3.96 -11.01 -6.76
N PHE B 77 -3.10 -10.21 -7.40
CA PHE B 77 -3.39 -8.85 -7.84
C PHE B 77 -4.66 -8.70 -8.65
N ASN B 78 -4.87 -9.63 -9.56
CA ASN B 78 -6.08 -9.65 -10.39
C ASN B 78 -7.14 -10.54 -9.77
N SER B 79 -8.39 -10.10 -9.87
CA SER B 79 -9.57 -10.88 -9.44
C SER B 79 -10.54 -10.81 -10.60
N GLN B 80 -11.67 -11.51 -10.46
CA GLN B 80 -12.61 -11.65 -11.55
C GLN B 80 -13.02 -10.24 -12.04
N GLY B 81 -13.41 -9.39 -11.09
CA GLY B 81 -13.92 -8.05 -11.49
C GLY B 81 -12.94 -6.89 -11.70
N GLY B 82 -11.71 -7.05 -11.19
CA GLY B 82 -10.73 -5.97 -11.29
C GLY B 82 -9.42 -6.41 -10.72
N ASN B 83 -8.79 -5.48 -10.04
CA ASN B 83 -7.48 -5.71 -9.53
C ASN B 83 -7.29 -4.81 -8.29
N LEU B 84 -6.31 -5.13 -7.45
CA LEU B 84 -6.05 -4.39 -6.19
C LEU B 84 -5.82 -2.90 -6.39
N PHE B 85 -5.08 -2.52 -7.44
CA PHE B 85 -4.83 -1.12 -7.68
C PHE B 85 -6.07 -0.34 -8.05
N SER B 86 -6.74 -0.76 -9.14
CA SER B 86 -7.99 -0.08 -9.61
C SER B 86 -9.11 -0.09 -8.60
N ASP B 87 -9.13 -1.07 -7.70
CA ASP B 87 -10.20 -1.16 -6.69
C ASP B 87 -9.85 -0.35 -5.44
N SER B 88 -8.66 0.26 -5.38
CA SER B 88 -8.22 0.99 -4.17
C SER B 88 -7.97 0.15 -2.95
N ARG B 89 -7.67 -1.14 -3.13
CA ARG B 89 -7.26 -2.01 -2.05
C ARG B 89 -5.79 -1.81 -1.72
N ILE B 90 -5.01 -1.32 -2.68
CA ILE B 90 -3.69 -0.83 -2.39
C ILE B 90 -3.64 0.62 -2.87
N ARG B 91 -2.75 1.42 -2.29
CA ARG B 91 -2.54 2.76 -2.74
C ARG B 91 -1.07 2.89 -3.02
N VAL B 92 -0.71 3.46 -4.16
CA VAL B 92 0.69 3.59 -4.49
C VAL B 92 1.07 5.04 -4.57
N THR B 93 2.29 5.31 -4.16
CA THR B 93 2.89 6.61 -4.06
C THR B 93 4.36 6.56 -4.52
N PHE B 94 4.81 7.55 -5.31
CA PHE B 94 6.27 7.71 -5.57
C PHE B 94 6.83 8.68 -4.56
N ASP B 95 7.79 8.22 -3.80
CA ASP B 95 8.44 9.06 -2.80
C ASP B 95 9.77 9.54 -3.29
N GLY B 96 10.04 10.83 -3.10
CA GLY B 96 11.33 11.36 -3.45
C GLY B 96 11.37 12.82 -3.11
N VAL B 97 12.36 13.51 -3.63
CA VAL B 97 12.58 14.92 -3.31
C VAL B 97 11.89 15.71 -4.38
N ARG B 98 10.99 16.61 -3.97
CA ARG B 98 10.26 17.49 -4.88
C ARG B 98 11.32 18.31 -5.59
N GLY B 99 11.13 18.61 -6.87
CA GLY B 99 12.04 19.48 -7.60
C GLY B 99 11.50 20.88 -7.60
N GLU B 100 11.49 21.49 -8.78
CA GLU B 100 11.03 22.87 -8.99
C GLU B 100 9.53 23.09 -8.76
N THR B 101 8.70 22.17 -9.25
CA THR B 101 7.22 22.20 -9.08
C THR B 101 6.74 20.95 -8.30
N PRO B 102 5.48 20.96 -7.81
CA PRO B 102 4.99 19.71 -7.15
C PRO B 102 5.05 18.48 -8.11
N ASP B 103 4.91 18.75 -9.40
CA ASP B 103 4.87 17.75 -10.48
C ASP B 103 6.24 17.18 -10.89
N LYS B 104 7.30 17.56 -10.19
CA LYS B 104 8.66 17.17 -10.59
C LYS B 104 9.47 16.61 -9.42
N PHE B 105 10.35 15.68 -9.73
CA PHE B 105 11.29 15.13 -8.80
C PHE B 105 12.72 15.64 -9.04
N ASN B 106 13.44 15.78 -7.93
CA ASN B 106 14.79 16.16 -7.95
C ASN B 106 15.68 15.03 -8.36
N LEU B 107 16.83 15.34 -8.95
CA LEU B 107 17.82 14.35 -9.34
C LEU B 107 19.18 14.67 -8.69
N SER B 108 19.91 13.64 -8.28
CA SER B 108 21.28 13.76 -7.84
C SER B 108 22.28 13.70 -9.00
N GLY B 109 23.56 13.87 -8.68
CA GLY B 109 24.62 13.66 -9.65
C GLY B 109 25.12 15.00 -10.13
N GLN B 110 26.01 14.99 -11.14
CA GLN B 110 26.71 16.19 -11.62
C GLN B 110 25.88 17.07 -12.55
N ALA B 111 24.88 16.52 -13.23
CA ALA B 111 24.13 17.36 -14.17
C ALA B 111 23.33 18.46 -13.43
N LYS B 112 22.99 19.54 -14.11
CA LYS B 112 22.29 20.64 -13.47
C LYS B 112 21.24 21.12 -14.45
N GLY B 113 20.19 21.74 -13.91
CA GLY B 113 19.10 22.24 -14.75
C GLY B 113 18.04 21.16 -15.03
N ILE B 114 18.08 20.01 -14.33
CA ILE B 114 17.10 18.93 -14.63
C ILE B 114 16.30 18.30 -13.51
N ASN B 115 15.06 17.96 -13.87
CA ASN B 115 14.16 17.26 -12.98
C ASN B 115 13.61 16.07 -13.75
N LEU B 116 12.87 15.23 -13.03
CA LEU B 116 12.25 14.06 -13.57
C LEU B 116 10.77 14.24 -13.41
N GLN B 117 10.04 13.69 -14.35
CA GLN B 117 8.59 13.66 -14.30
C GLN B 117 8.16 12.22 -14.51
N ILE B 118 7.19 11.80 -13.71
CA ILE B 118 6.59 10.49 -13.84
C ILE B 118 5.09 10.59 -14.14
N ALA B 119 4.66 9.89 -15.15
CA ALA B 119 3.24 9.98 -15.55
C ALA B 119 2.69 8.57 -15.62
N ASP B 120 1.41 8.43 -15.36
CA ASP B 120 0.74 7.14 -15.51
C ASP B 120 0.12 6.97 -16.89
N VAL B 121 -0.57 5.84 -17.14
CA VAL B 121 -1.11 5.55 -18.47
C VAL B 121 -2.19 6.46 -18.91
N ARG B 122 -2.75 7.29 -18.05
CA ARG B 122 -3.75 8.28 -18.52
C ARG B 122 -3.13 9.68 -18.45
N GLY B 123 -1.84 9.75 -18.09
CA GLY B 123 -1.11 11.02 -18.16
C GLY B 123 -1.22 11.84 -16.90
N ASN B 124 -1.70 11.23 -15.82
CA ASN B 124 -1.68 11.81 -14.49
C ASN B 124 -0.22 11.87 -14.05
N ILE B 125 0.26 13.07 -13.68
CA ILE B 125 1.65 13.25 -13.27
C ILE B 125 1.81 12.96 -11.77
N ALA B 126 2.72 12.06 -11.41
CA ALA B 126 3.04 11.82 -9.98
C ALA B 126 3.62 13.04 -9.28
N ARG B 127 3.19 13.26 -8.05
CA ARG B 127 3.80 14.29 -7.19
C ARG B 127 4.46 13.50 -6.03
N ALA B 128 5.65 13.92 -5.64
CA ALA B 128 6.39 13.33 -4.53
C ALA B 128 5.50 13.23 -3.30
N GLY B 129 5.32 11.99 -2.82
CA GLY B 129 4.60 11.73 -1.57
C GLY B 129 3.07 11.77 -1.66
N LYS B 130 2.52 11.92 -2.86
CA LYS B 130 1.09 11.98 -3.09
C LYS B 130 0.63 10.74 -3.81
N VAL B 131 -0.47 10.19 -3.34
CA VAL B 131 -0.98 8.93 -3.78
C VAL B 131 -1.46 9.02 -5.25
N MET B 132 -1.09 8.09 -6.11
CA MET B 132 -1.59 8.07 -7.46
C MET B 132 -3.11 7.74 -7.50
N PRO B 133 -3.90 8.33 -8.44
CA PRO B 133 -5.32 8.05 -8.45
C PRO B 133 -5.55 6.65 -8.93
N ALA B 134 -6.58 6.02 -8.39
CA ALA B 134 -6.99 4.68 -8.80
C ALA B 134 -7.60 4.75 -10.21
N ILE B 135 -7.04 4.06 -11.17
CA ILE B 135 -7.58 4.05 -12.53
C ILE B 135 -7.61 2.61 -13.00
N PRO B 136 -8.43 2.35 -14.04
CA PRO B 136 -8.51 0.96 -14.47
C PRO B 136 -7.32 0.64 -15.41
N LEU B 137 -6.90 -0.61 -15.47
CA LEU B 137 -5.64 -0.92 -16.14
C LEU B 137 -5.88 -1.30 -17.58
N THR B 138 -4.81 -1.18 -18.39
CA THR B 138 -4.85 -1.55 -19.82
C THR B 138 -4.12 -2.88 -20.16
N GLY B 139 -4.39 -3.43 -21.37
CA GLY B 139 -4.01 -4.84 -21.74
C GLY B 139 -4.33 -5.91 -20.66
N ASN B 140 -5.39 -5.64 -19.88
CA ASN B 140 -5.71 -6.39 -18.63
C ASN B 140 -4.51 -7.20 -18.06
N GLU B 141 -3.33 -6.58 -18.08
CA GLU B 141 -2.11 -7.26 -17.57
C GLU B 141 -2.04 -7.16 -16.02
N GLU B 142 -1.10 -7.93 -15.50
CA GLU B 142 -0.78 -7.89 -14.09
C GLU B 142 0.22 -6.76 -13.78
N ALA B 143 0.27 -5.73 -14.63
CA ALA B 143 1.34 -4.76 -14.51
C ALA B 143 0.88 -3.32 -14.34
N LEU B 144 1.59 -2.56 -13.50
CA LEU B 144 1.53 -1.10 -13.45
C LEU B 144 2.58 -0.47 -14.41
N ASP B 145 2.16 0.44 -15.29
CA ASP B 145 3.03 1.03 -16.32
C ASP B 145 3.19 2.52 -16.12
N TYR B 146 4.45 2.98 -16.08
CA TYR B 146 4.75 4.39 -15.85
C TYR B 146 5.67 4.92 -16.91
N THR B 147 5.61 6.22 -17.07
CA THR B 147 6.46 6.84 -18.04
C THR B 147 7.29 7.92 -17.41
N LEU B 148 8.59 7.87 -17.65
CA LEU B 148 9.38 8.99 -17.19
C LEU B 148 10.02 9.81 -18.27
N ARG B 149 10.25 11.06 -17.92
CA ARG B 149 10.96 11.95 -18.81
C ARG B 149 11.71 13.01 -18.01
N ILE B 150 12.82 13.51 -18.59
CA ILE B 150 13.60 14.57 -17.99
C ILE B 150 13.01 15.88 -18.44
N VAL B 151 12.87 16.83 -17.53
CA VAL B 151 12.31 18.13 -17.85
C VAL B 151 13.28 19.13 -17.25
N ARG B 152 13.12 20.40 -17.59
CA ARG B 152 13.90 21.50 -17.04
C ARG B 152 13.44 21.78 -15.62
N ASN B 153 14.37 22.26 -14.78
CA ASN B 153 14.07 22.76 -13.42
C ASN B 153 14.26 24.29 -13.28
N GLY B 154 14.42 24.99 -14.40
CA GLY B 154 14.51 26.44 -14.37
C GLY B 154 15.92 26.96 -14.16
N LYS B 155 16.85 26.13 -13.66
CA LYS B 155 18.25 26.54 -13.46
C LYS B 155 18.99 26.34 -14.81
N LYS B 156 20.21 26.87 -14.97
CA LYS B 156 20.95 26.71 -16.24
C LYS B 156 21.42 25.25 -16.45
N LEU B 157 21.25 24.71 -17.65
CA LEU B 157 21.74 23.37 -18.03
C LEU B 157 23.24 23.16 -18.01
N GLU B 158 23.67 22.24 -17.18
CA GLU B 158 25.05 21.77 -17.23
C GLU B 158 24.93 20.29 -17.48
N ALA B 159 25.26 19.83 -18.68
CA ALA B 159 25.11 18.40 -18.94
C ALA B 159 26.04 17.62 -17.97
N GLY B 160 25.79 16.32 -17.83
CA GLY B 160 26.52 15.52 -16.82
C GLY B 160 25.76 14.26 -16.48
N ASN B 161 26.27 13.48 -15.55
CA ASN B 161 25.61 12.26 -15.20
C ASN B 161 24.64 12.49 -14.05
N TYR B 162 23.45 11.90 -14.14
CA TYR B 162 22.46 12.04 -13.07
C TYR B 162 22.00 10.69 -12.61
N PHE B 163 21.35 10.69 -11.47
CA PHE B 163 20.79 9.45 -10.88
C PHE B 163 19.69 9.85 -9.92
N ALA B 164 18.75 8.94 -9.68
CA ALA B 164 17.84 9.05 -8.51
C ALA B 164 17.39 7.70 -8.03
N VAL B 165 17.25 7.57 -6.72
CA VAL B 165 16.51 6.48 -6.11
C VAL B 165 15.09 7.01 -5.81
N LEU B 166 14.07 6.38 -6.39
CA LEU B 166 12.69 6.75 -6.07
C LEU B 166 12.10 5.67 -5.24
N GLY B 167 11.41 6.05 -4.19
CA GLY B 167 10.60 5.09 -3.41
C GLY B 167 9.30 4.80 -4.15
N PHE B 168 8.93 3.55 -4.23
CA PHE B 168 7.58 3.23 -4.74
C PHE B 168 6.89 2.57 -3.55
N ARG B 169 5.93 3.28 -2.97
CA ARG B 169 5.33 2.86 -1.72
C ARG B 169 3.94 2.25 -1.96
N VAL B 170 3.77 0.97 -1.59
CA VAL B 170 2.44 0.32 -1.61
C VAL B 170 1.82 0.26 -0.20
N ASP B 171 0.76 1.04 0.03
CA ASP B 171 -0.02 1.04 1.27
C ASP B 171 -1.23 0.10 1.10
N TYR B 172 -1.34 -0.91 1.98
CA TYR B 172 -2.39 -1.87 1.89
C TYR B 172 -3.57 -1.44 2.73
N GLU B 173 -4.74 -1.48 2.13
CA GLU B 173 -5.97 -1.38 2.91
C GLU B 173 -6.23 -2.65 3.72
#